data_6MJY
#
_entry.id   6MJY
#
_cell.length_a   88.530
_cell.length_b   88.530
_cell.length_c   84.670
_cell.angle_alpha   90.00
_cell.angle_beta   90.00
_cell.angle_gamma   90.00
#
_symmetry.space_group_name_H-M   'I 4'
#
loop_
_entity.id
_entity.type
_entity.pdbx_description
1 polymer "Inosine-5'-monophosphate dehydrogenase"
2 non-polymer "6-CHLOROPURINE RIBOSIDE, 5'-MONOPHOSPHATE"
3 water water
#
_entity_poly.entity_id   1
_entity_poly.type   'polypeptide(L)'
_entity_poly.pdbx_seq_one_letter_code
;GSSIAERSVPIAVPVPTGGDDPTKIAMLGLTFDDVLLLPAASDVLPANADTSSQLTKKIRLKVPLVSSAMDTVTEARMAI
AMARAGGMGVLHRNLPVAEQAAQVETVKRSGGLLVGAAVGVGDDAWERAMALRDAGVDVLVVDTAHAHNRKVLDMVHRLK
TTVGDEIEVVGGNVATRAAAAALVEAGADAVKVGVGPGSICTTRVVAGVGAPQITAILEAVAACAPHGVPVIADGGLQYS
GDIAKALAAGASTAMLGSLLAGTAESPGELILVNGKQFKSYRGMGSLGAMQGRGGAKSYSKDRYFQDDALSEDKLVPEGI
EGRVPFRGPLSTVIHQLVGGLRAAMGYTGSATIEELQQAQFVQITAAGLKESHPHDITMTVEAPNYYAR
;
_entity_poly.pdbx_strand_id   A
#
# COMPACT_ATOMS: atom_id res chain seq x y z
N VAL A 15 36.73 -6.54 3.21
CA VAL A 15 35.38 -6.83 2.75
C VAL A 15 35.47 -7.38 1.33
N PRO A 16 34.78 -8.50 1.06
CA PRO A 16 34.86 -9.17 -0.25
C PRO A 16 34.42 -8.29 -1.40
N THR A 17 33.53 -7.32 -1.14
CA THR A 17 33.04 -6.45 -2.20
C THR A 17 33.73 -5.09 -2.27
N GLY A 18 34.72 -4.87 -1.40
CA GLY A 18 35.56 -3.69 -1.51
C GLY A 18 35.57 -2.79 -0.30
N GLY A 19 36.72 -2.15 -0.06
CA GLY A 19 36.86 -1.27 1.07
C GLY A 19 37.11 -2.06 2.34
N ASP A 20 37.13 -1.36 3.47
CA ASP A 20 37.38 -2.00 4.76
C ASP A 20 36.20 -1.92 5.72
N ASP A 21 35.07 -1.40 5.24
CA ASP A 21 33.90 -1.20 6.08
C ASP A 21 32.80 -2.19 5.74
N PRO A 22 32.55 -3.16 6.63
CA PRO A 22 31.52 -4.18 6.40
C PRO A 22 30.11 -3.61 6.38
N THR A 23 29.92 -2.41 6.92
CA THR A 23 28.60 -1.84 6.99
C THR A 23 28.29 -0.97 5.76
N LYS A 24 29.27 -0.76 4.88
CA LYS A 24 29.05 0.10 3.72
C LYS A 24 27.94 -0.46 2.84
N ILE A 25 27.98 -1.77 2.63
CA ILE A 25 26.87 -2.47 2.01
C ILE A 25 26.14 -3.15 3.15
N ALA A 26 25.03 -2.54 3.53
CA ALA A 26 24.36 -2.81 4.80
C ALA A 26 23.50 -4.07 4.79
N MET A 27 22.97 -4.45 3.64
N MET A 27 22.94 -4.36 3.67
CA MET A 27 22.08 -5.59 3.53
CA MET A 27 22.05 -5.51 3.57
C MET A 27 22.01 -6.12 2.11
C MET A 27 21.98 -6.03 2.15
N LEU A 28 21.49 -7.35 1.95
CA LEU A 28 21.16 -7.91 0.64
C LEU A 28 19.66 -7.74 0.48
N GLY A 29 19.25 -6.93 -0.48
CA GLY A 29 17.84 -6.60 -0.60
C GLY A 29 17.10 -7.54 -1.54
N LEU A 30 16.04 -8.15 -1.03
CA LEU A 30 15.22 -9.05 -1.85
C LEU A 30 13.93 -8.38 -2.28
N THR A 31 13.56 -8.60 -3.53
CA THR A 31 12.28 -8.14 -4.02
C THR A 31 11.32 -9.33 -4.14
N PHE A 32 10.08 -9.08 -4.56
CA PHE A 32 9.08 -10.13 -4.63
C PHE A 32 9.54 -11.30 -5.49
N ASP A 33 10.18 -10.99 -6.62
CA ASP A 33 10.60 -12.04 -7.56
C ASP A 33 11.72 -12.93 -7.01
N ASP A 34 12.36 -12.52 -5.92
CA ASP A 34 13.43 -13.29 -5.31
C ASP A 34 12.95 -14.42 -4.42
N VAL A 35 11.66 -14.44 -4.08
CA VAL A 35 11.17 -15.41 -3.09
C VAL A 35 9.87 -16.08 -3.52
N LEU A 36 9.61 -17.25 -2.94
CA LEU A 36 8.34 -17.95 -3.09
C LEU A 36 7.88 -18.36 -1.71
N LEU A 37 6.57 -18.42 -1.49
CA LEU A 37 6.03 -19.00 -0.27
C LEU A 37 6.12 -20.51 -0.29
N LEU A 38 6.56 -21.08 0.82
CA LEU A 38 6.63 -22.52 0.96
C LEU A 38 5.29 -23.06 1.41
N PRO A 39 4.82 -24.12 0.75
CA PRO A 39 3.63 -24.80 1.29
C PRO A 39 3.89 -25.34 2.70
N ALA A 40 2.83 -25.45 3.48
CA ALA A 40 2.94 -25.98 4.83
C ALA A 40 1.69 -26.79 5.14
N ALA A 41 1.72 -27.52 6.25
CA ALA A 41 0.57 -28.29 6.68
C ALA A 41 -0.67 -27.39 6.69
N SER A 42 -1.75 -27.86 6.08
CA SER A 42 -2.95 -27.05 5.94
C SER A 42 -4.27 -27.80 6.14
N ASP A 43 -5.14 -27.15 6.89
CA ASP A 43 -6.52 -27.52 7.07
C ASP A 43 -7.43 -26.43 6.48
N VAL A 44 -6.87 -25.57 5.65
CA VAL A 44 -7.55 -24.39 5.14
C VAL A 44 -7.92 -24.53 3.67
N LEU A 45 -9.11 -24.47 3.26
CA LEU A 45 -9.54 -24.38 1.90
C LEU A 45 -9.57 -22.94 1.49
N PRO A 46 -9.16 -22.69 0.35
CA PRO A 46 -9.10 -21.29 -0.10
C PRO A 46 -10.42 -20.53 0.06
N ALA A 47 -11.54 -21.18 -0.22
CA ALA A 47 -12.83 -20.52 -0.10
C ALA A 47 -13.17 -20.16 1.35
N ASN A 48 -12.55 -20.86 2.30
CA ASN A 48 -12.87 -20.66 3.72
C ASN A 48 -11.91 -19.73 4.47
N ALA A 49 -10.81 -19.36 3.84
CA ALA A 49 -9.87 -18.44 4.46
C ALA A 49 -10.53 -17.09 4.79
N ASP A 50 -10.09 -16.48 5.88
CA ASP A 50 -10.52 -15.14 6.29
C ASP A 50 -9.50 -14.14 5.76
N THR A 51 -9.88 -13.33 4.78
CA THR A 51 -8.93 -12.38 4.18
C THR A 51 -8.91 -11.02 4.86
N SER A 52 -9.67 -10.85 5.94
CA SER A 52 -9.72 -9.53 6.57
C SER A 52 -8.38 -9.17 7.21
N SER A 53 -8.08 -7.88 7.28
CA SER A 53 -6.82 -7.45 7.88
C SER A 53 -6.88 -6.00 8.32
N GLN A 54 -6.01 -5.64 9.26
CA GLN A 54 -5.94 -4.25 9.73
C GLN A 54 -5.32 -3.34 8.69
N LEU A 55 -6.06 -2.31 8.28
CA LEU A 55 -5.50 -1.22 7.52
C LEU A 55 -4.72 -0.31 8.46
N THR A 56 -5.33 0.01 9.60
CA THR A 56 -4.69 0.82 10.63
C THR A 56 -4.93 0.13 11.97
N LYS A 57 -4.39 0.69 13.06
CA LYS A 57 -4.64 0.11 14.38
C LYS A 57 -6.13 -0.17 14.64
N LYS A 58 -7.01 0.74 14.22
CA LYS A 58 -8.43 0.58 14.50
C LYS A 58 -9.27 0.03 13.33
N ILE A 59 -8.87 0.33 12.09
CA ILE A 59 -9.71 -0.01 10.94
C ILE A 59 -9.33 -1.35 10.32
N ARG A 60 -10.28 -2.27 10.26
CA ARG A 60 -10.08 -3.56 9.62
C ARG A 60 -10.84 -3.57 8.31
N LEU A 61 -10.19 -4.06 7.26
CA LEU A 61 -10.83 -4.23 5.94
C LEU A 61 -11.20 -5.69 5.70
N LYS A 62 -12.24 -5.92 4.90
CA LYS A 62 -12.63 -7.28 4.53
C LYS A 62 -11.63 -7.89 3.54
N VAL A 63 -11.03 -7.04 2.71
CA VAL A 63 -9.98 -7.50 1.81
CA VAL A 63 -10.03 -7.44 1.71
C VAL A 63 -8.80 -6.54 1.93
N PRO A 64 -7.59 -7.12 2.03
CA PRO A 64 -6.46 -6.30 2.47
C PRO A 64 -5.81 -5.48 1.36
N LEU A 65 -6.62 -4.75 0.63
CA LEU A 65 -6.17 -4.01 -0.55
C LEU A 65 -6.65 -2.58 -0.53
N VAL A 66 -5.76 -1.66 -0.84
N VAL A 66 -5.74 -1.67 -0.88
CA VAL A 66 -6.16 -0.27 -1.01
CA VAL A 66 -6.03 -0.25 -0.97
C VAL A 66 -5.59 0.29 -2.30
C VAL A 66 -5.59 0.27 -2.33
N SER A 67 -6.31 1.23 -2.91
CA SER A 67 -5.86 1.80 -4.18
C SER A 67 -5.01 3.05 -3.94
N SER A 68 -4.00 3.21 -4.81
CA SER A 68 -2.99 4.28 -4.69
C SER A 68 -3.59 5.67 -4.80
N ALA A 69 -3.00 6.60 -4.05
CA ALA A 69 -3.37 8.00 -4.12
C ALA A 69 -2.69 8.66 -5.31
N MET A 70 -3.12 8.26 -6.50
CA MET A 70 -2.52 8.74 -7.74
C MET A 70 -3.63 9.20 -8.67
N ASP A 71 -3.38 10.24 -9.46
CA ASP A 71 -4.46 10.81 -10.26
C ASP A 71 -4.82 9.96 -11.48
N THR A 72 -4.08 8.88 -11.72
CA THR A 72 -4.48 7.89 -12.73
C THR A 72 -5.06 6.64 -12.08
N VAL A 73 -5.26 6.66 -10.76
CA VAL A 73 -5.79 5.49 -10.09
C VAL A 73 -7.05 5.76 -9.26
N THR A 74 -7.00 6.71 -8.32
CA THR A 74 -8.10 6.87 -7.37
C THR A 74 -8.73 8.26 -7.28
N GLU A 75 -9.94 8.35 -7.84
CA GLU A 75 -10.84 9.43 -7.52
C GLU A 75 -12.11 8.79 -6.96
N ALA A 76 -13.20 9.51 -6.89
CA ALA A 76 -14.35 9.02 -6.18
C ALA A 76 -14.87 7.68 -6.68
N ARG A 77 -14.88 7.50 -7.97
CA ARG A 77 -15.41 6.29 -8.55
C ARG A 77 -14.65 5.05 -8.10
N MET A 78 -13.36 5.16 -8.12
CA MET A 78 -12.49 4.07 -7.66
C MET A 78 -12.66 3.85 -6.15
N ALA A 79 -12.73 4.93 -5.38
CA ALA A 79 -12.83 4.77 -3.92
C ALA A 79 -14.15 4.08 -3.55
N ILE A 80 -15.22 4.40 -4.25
CA ILE A 80 -16.50 3.76 -3.98
C ILE A 80 -16.43 2.27 -4.32
N ALA A 81 -15.88 1.96 -5.49
CA ALA A 81 -15.77 0.57 -5.94
C ALA A 81 -14.87 -0.26 -5.01
N MET A 82 -13.74 0.30 -4.61
CA MET A 82 -12.84 -0.36 -3.65
C MET A 82 -13.53 -0.66 -2.31
N ALA A 83 -14.24 0.32 -1.76
CA ALA A 83 -14.92 0.14 -0.48
C ALA A 83 -16.00 -0.96 -0.61
N ARG A 84 -16.75 -0.92 -1.71
CA ARG A 84 -17.76 -1.93 -1.95
C ARG A 84 -17.17 -3.32 -2.12
N ALA A 85 -15.95 -3.39 -2.64
CA ALA A 85 -15.26 -4.67 -2.83
C ALA A 85 -14.63 -5.15 -1.52
N GLY A 86 -14.68 -4.31 -0.50
CA GLY A 86 -14.18 -4.68 0.81
C GLY A 86 -12.81 -4.10 1.14
N GLY A 87 -12.29 -3.26 0.25
CA GLY A 87 -11.01 -2.60 0.48
C GLY A 87 -11.22 -1.13 0.78
N MET A 88 -10.34 -0.28 0.27
CA MET A 88 -10.51 1.16 0.46
C MET A 88 -9.73 1.89 -0.60
N GLY A 89 -10.19 3.07 -0.99
CA GLY A 89 -9.41 3.92 -1.88
C GLY A 89 -8.79 5.07 -1.10
N VAL A 90 -7.63 5.53 -1.55
CA VAL A 90 -7.06 6.76 -1.00
C VAL A 90 -7.09 7.81 -2.10
N LEU A 91 -7.93 8.84 -1.93
CA LEU A 91 -8.06 9.89 -2.93
C LEU A 91 -6.77 10.68 -3.10
N HIS A 92 -6.36 10.90 -4.35
CA HIS A 92 -5.13 11.62 -4.61
C HIS A 92 -5.28 13.09 -4.25
N ARG A 93 -4.16 13.80 -4.14
CA ARG A 93 -4.21 15.19 -3.72
C ARG A 93 -3.75 16.15 -4.82
N ASN A 94 -3.70 15.67 -6.05
CA ASN A 94 -3.28 16.53 -7.16
C ASN A 94 -4.47 17.28 -7.73
N LEU A 95 -5.11 18.08 -6.87
CA LEU A 95 -6.28 18.84 -7.24
C LEU A 95 -6.58 19.84 -6.12
N PRO A 96 -7.43 20.84 -6.38
CA PRO A 96 -7.74 21.81 -5.33
C PRO A 96 -8.35 21.16 -4.09
N VAL A 97 -8.10 21.76 -2.94
CA VAL A 97 -8.62 21.26 -1.67
C VAL A 97 -10.13 21.04 -1.72
N ALA A 98 -10.86 22.00 -2.26
CA ALA A 98 -12.32 21.89 -2.26
C ALA A 98 -12.80 20.73 -3.13
N GLU A 99 -12.05 20.39 -4.09
CA GLU A 99 -12.46 19.30 -4.95
C GLU A 99 -12.13 17.96 -4.37
N GLN A 100 -11.05 17.86 -3.73
CA GLN A 100 -10.76 16.62 -3.03
C GLN A 100 -11.79 16.38 -1.93
N ALA A 101 -12.14 17.45 -1.21
CA ALA A 101 -13.13 17.36 -0.14
C ALA A 101 -14.49 16.96 -0.71
N ALA A 102 -14.82 17.51 -1.87
CA ALA A 102 -16.06 17.17 -2.56
C ALA A 102 -16.07 15.70 -3.01
N GLN A 103 -14.88 15.16 -3.31
CA GLN A 103 -14.80 13.76 -3.68
C GLN A 103 -15.04 12.88 -2.46
N VAL A 104 -14.57 13.33 -1.30
CA VAL A 104 -14.83 12.63 -0.05
C VAL A 104 -16.32 12.58 0.28
N GLU A 105 -16.98 13.72 0.13
CA GLU A 105 -18.42 13.78 0.38
C GLU A 105 -19.18 12.84 -0.55
N THR A 106 -18.77 12.82 -1.82
CA THR A 106 -19.39 11.95 -2.82
C THR A 106 -19.30 10.47 -2.41
N VAL A 107 -18.16 10.07 -1.87
CA VAL A 107 -17.98 8.69 -1.44
C VAL A 107 -18.87 8.38 -0.23
N LYS A 108 -18.97 9.31 0.69
CA LYS A 108 -19.68 9.10 1.94
C LYS A 108 -21.15 9.02 1.77
N ARG A 109 -21.64 9.59 0.73
CA ARG A 109 -23.09 9.59 0.52
C ARG A 109 -23.52 8.43 -0.38
N SER A 110 -22.55 7.63 -0.80
CA SER A 110 -22.84 6.43 -1.49
C SER A 110 -22.95 5.26 -0.50
N GLY A 111 -23.38 5.55 0.70
CA GLY A 111 -23.51 4.55 1.76
C GLY A 111 -22.49 4.75 2.85
N GLY A 112 -22.44 3.82 3.79
CA GLY A 112 -21.46 3.86 4.87
C GLY A 112 -20.15 3.27 4.41
N LEU A 113 -19.45 4.01 3.55
CA LEU A 113 -18.23 3.53 2.93
C LEU A 113 -16.99 4.20 3.49
N LEU A 114 -16.00 3.39 3.85
CA LEU A 114 -14.69 3.90 4.26
C LEU A 114 -13.99 4.60 3.11
N VAL A 115 -13.28 5.69 3.43
CA VAL A 115 -12.48 6.38 2.43
C VAL A 115 -11.28 7.08 3.08
N GLY A 116 -10.16 7.09 2.36
CA GLY A 116 -8.98 7.81 2.76
C GLY A 116 -8.67 8.92 1.77
N ALA A 117 -7.78 9.81 2.18
CA ALA A 117 -7.33 10.88 1.32
C ALA A 117 -5.90 11.27 1.66
N ALA A 118 -5.11 11.54 0.62
CA ALA A 118 -3.73 11.97 0.82
C ALA A 118 -3.59 13.46 1.11
N VAL A 119 -2.64 13.79 1.98
CA VAL A 119 -2.18 15.16 2.17
C VAL A 119 -0.65 15.15 2.19
N GLY A 120 -0.04 16.28 1.84
CA GLY A 120 1.40 16.42 1.91
C GLY A 120 1.87 17.10 3.18
N VAL A 121 3.00 17.81 3.09
CA VAL A 121 3.51 18.56 4.22
C VAL A 121 3.79 20.01 3.81
N GLY A 122 3.33 20.36 2.64
CA GLY A 122 3.48 21.72 2.15
C GLY A 122 2.61 22.71 2.86
N ASP A 123 2.59 23.93 2.31
CA ASP A 123 1.92 25.05 2.94
C ASP A 123 0.43 24.88 3.05
N ASP A 124 -0.19 24.28 2.06
CA ASP A 124 -1.61 24.10 2.07
C ASP A 124 -2.05 22.79 2.69
N ALA A 125 -1.10 21.98 3.11
CA ALA A 125 -1.41 20.63 3.59
C ALA A 125 -2.32 20.62 4.82
N TRP A 126 -2.05 21.48 5.81
CA TRP A 126 -2.90 21.51 6.99
C TRP A 126 -4.34 21.93 6.65
N GLU A 127 -4.49 22.96 5.82
CA GLU A 127 -5.82 23.40 5.41
C GLU A 127 -6.54 22.28 4.65
N ARG A 128 -5.78 21.57 3.83
CA ARG A 128 -6.32 20.42 3.10
C ARG A 128 -6.85 19.37 4.08
N ALA A 129 -6.03 19.04 5.08
CA ALA A 129 -6.41 18.02 6.07
C ALA A 129 -7.67 18.40 6.85
N MET A 130 -7.80 19.65 7.23
CA MET A 130 -8.99 20.07 7.94
C MET A 130 -10.24 20.06 7.09
N ALA A 131 -10.11 20.39 5.83
CA ALA A 131 -11.22 20.29 4.89
C ALA A 131 -11.66 18.83 4.68
N LEU A 132 -10.70 17.92 4.63
CA LEU A 132 -11.01 16.50 4.48
C LEU A 132 -11.70 15.96 5.73
N ARG A 133 -11.23 16.38 6.88
CA ARG A 133 -11.84 16.04 8.13
C ARG A 133 -13.29 16.52 8.19
N ASP A 134 -13.50 17.74 7.78
CA ASP A 134 -14.84 18.30 7.76
C ASP A 134 -15.75 17.51 6.82
N ALA A 135 -15.19 17.01 5.73
CA ALA A 135 -15.97 16.26 4.74
C ALA A 135 -16.24 14.81 5.20
N GLY A 136 -15.63 14.40 6.29
CA GLY A 136 -15.91 13.09 6.88
C GLY A 136 -14.96 11.97 6.50
N VAL A 137 -13.72 12.33 6.15
CA VAL A 137 -12.74 11.29 5.78
C VAL A 137 -12.43 10.37 6.97
N ASP A 138 -12.15 9.10 6.69
CA ASP A 138 -11.86 8.13 7.76
C ASP A 138 -10.37 7.99 8.01
N VAL A 139 -9.59 8.11 6.95
CA VAL A 139 -8.14 7.95 7.04
C VAL A 139 -7.44 9.09 6.34
N LEU A 140 -6.49 9.70 7.02
CA LEU A 140 -5.64 10.69 6.38
C LEU A 140 -4.30 10.05 6.13
N VAL A 141 -3.83 10.12 4.89
CA VAL A 141 -2.53 9.55 4.55
C VAL A 141 -1.54 10.68 4.31
N VAL A 142 -0.58 10.84 5.22
CA VAL A 142 0.50 11.79 4.99
C VAL A 142 1.43 11.13 4.00
N ASP A 143 1.44 11.69 2.79
CA ASP A 143 1.82 11.04 1.55
C ASP A 143 3.06 11.74 1.00
N THR A 144 4.24 11.20 1.30
CA THR A 144 5.51 11.80 0.87
C THR A 144 6.48 10.77 0.29
N ALA A 145 7.47 11.25 -0.45
CA ALA A 145 8.45 10.36 -1.05
C ALA A 145 9.38 9.77 -0.01
N HIS A 146 9.58 10.50 1.09
CA HIS A 146 10.56 10.14 2.10
C HIS A 146 10.09 10.64 3.47
N ALA A 147 9.50 9.76 4.26
CA ALA A 147 8.90 10.16 5.53
C ALA A 147 9.90 10.36 6.66
N HIS A 148 11.15 9.94 6.46
CA HIS A 148 12.12 10.01 7.55
C HIS A 148 12.71 11.42 7.65
N ASN A 149 11.89 12.32 8.15
CA ASN A 149 12.15 13.73 8.02
C ASN A 149 11.30 14.44 9.06
N ARG A 150 11.87 15.43 9.73
CA ARG A 150 11.19 16.07 10.85
C ARG A 150 9.87 16.71 10.45
N LYS A 151 9.83 17.30 9.25
CA LYS A 151 8.61 17.96 8.80
C LYS A 151 7.47 16.95 8.65
N VAL A 152 7.78 15.77 8.14
CA VAL A 152 6.78 14.74 7.94
C VAL A 152 6.33 14.15 9.28
N LEU A 153 7.29 13.88 10.14
CA LEU A 153 7.01 13.30 11.45
C LEU A 153 6.16 14.28 12.27
N ASP A 154 6.49 15.57 12.19
CA ASP A 154 5.71 16.60 12.90
C ASP A 154 4.27 16.67 12.40
N MET A 155 4.07 16.49 11.09
CA MET A 155 2.73 16.54 10.53
C MET A 155 1.90 15.36 11.03
N VAL A 156 2.49 14.17 10.99
CA VAL A 156 1.83 12.97 11.50
C VAL A 156 1.41 13.19 12.95
N HIS A 157 2.34 13.65 13.77
CA HIS A 157 2.07 13.88 15.19
C HIS A 157 1.00 14.95 15.42
N ARG A 158 1.10 16.06 14.72
CA ARG A 158 0.11 17.12 14.84
C ARG A 158 -1.26 16.68 14.46
N LEU A 159 -1.41 15.97 13.35
CA LEU A 159 -2.70 15.39 12.99
C LEU A 159 -3.21 14.44 14.04
N LYS A 160 -2.35 13.55 14.51
CA LYS A 160 -2.77 12.55 15.49
C LYS A 160 -3.26 13.23 16.77
N THR A 161 -2.58 14.30 17.19
CA THR A 161 -2.95 14.98 18.41
C THR A 161 -4.16 15.89 18.23
N THR A 162 -4.47 16.23 16.97
CA THR A 162 -5.58 17.14 16.69
C THR A 162 -6.88 16.43 16.31
N VAL A 163 -6.79 15.45 15.40
CA VAL A 163 -7.99 14.78 14.92
C VAL A 163 -7.94 13.28 15.13
N GLY A 164 -6.98 12.82 15.92
CA GLY A 164 -6.69 11.39 16.06
C GLY A 164 -7.76 10.53 16.70
N ASP A 165 -8.68 11.17 17.41
CA ASP A 165 -9.79 10.43 18.02
C ASP A 165 -10.78 9.96 16.96
N GLU A 166 -10.95 10.76 15.91
CA GLU A 166 -11.96 10.50 14.89
C GLU A 166 -11.38 9.93 13.60
N ILE A 167 -10.10 10.19 13.37
CA ILE A 167 -9.47 9.89 12.09
C ILE A 167 -8.18 9.11 12.31
N GLU A 168 -7.98 8.06 11.52
CA GLU A 168 -6.72 7.33 11.57
C GLU A 168 -5.68 7.99 10.65
N VAL A 169 -4.45 8.10 11.13
CA VAL A 169 -3.40 8.78 10.40
C VAL A 169 -2.30 7.82 9.96
N VAL A 170 -2.13 7.72 8.65
CA VAL A 170 -1.10 6.87 8.02
C VAL A 170 0.08 7.72 7.63
N GLY A 171 1.29 7.23 7.85
CA GLY A 171 2.49 7.94 7.41
C GLY A 171 3.34 7.12 6.47
N GLY A 172 3.96 7.77 5.49
CA GLY A 172 4.82 7.09 4.53
C GLY A 172 5.44 8.09 3.59
N ASN A 173 6.37 7.64 2.75
CA ASN A 173 6.81 6.25 2.69
C ASN A 173 8.17 6.04 3.32
N VAL A 174 8.40 4.83 3.78
CA VAL A 174 9.69 4.45 4.34
C VAL A 174 10.20 3.15 3.73
N ALA A 175 11.47 2.85 3.97
CA ALA A 175 12.03 1.61 3.48
C ALA A 175 13.03 1.02 4.46
N THR A 176 13.17 1.63 5.63
CA THR A 176 14.09 1.13 6.64
C THR A 176 13.41 0.98 7.99
N ARG A 177 14.07 0.20 8.84
CA ARG A 177 13.60 -0.04 10.19
C ARG A 177 13.59 1.27 10.98
N ALA A 178 14.66 2.06 10.88
CA ALA A 178 14.75 3.30 11.65
C ALA A 178 13.68 4.31 11.27
N ALA A 179 13.38 4.40 9.98
CA ALA A 179 12.36 5.31 9.50
C ALA A 179 10.97 4.88 9.98
N ALA A 180 10.70 3.58 9.90
CA ALA A 180 9.43 3.06 10.40
C ALA A 180 9.30 3.34 11.90
N ALA A 181 10.38 3.14 12.64
CA ALA A 181 10.35 3.37 14.09
C ALA A 181 10.03 4.83 14.40
N ALA A 182 10.58 5.73 13.59
CA ALA A 182 10.32 7.16 13.77
C ALA A 182 8.85 7.50 13.59
N LEU A 183 8.21 6.92 12.56
CA LEU A 183 6.78 7.15 12.36
C LEU A 183 5.94 6.57 13.48
N VAL A 184 6.33 5.41 13.98
CA VAL A 184 5.62 4.82 15.12
C VAL A 184 5.69 5.77 16.30
N GLU A 185 6.88 6.30 16.56
CA GLU A 185 7.07 7.22 17.70
C GLU A 185 6.24 8.50 17.52
N ALA A 186 6.07 8.94 16.29
CA ALA A 186 5.33 10.16 16.00
C ALA A 186 3.83 9.95 16.15
N GLY A 187 3.40 8.70 16.26
CA GLY A 187 2.00 8.40 16.47
C GLY A 187 1.24 7.80 15.30
N ALA A 188 1.94 7.42 14.23
CA ALA A 188 1.25 6.84 13.08
C ALA A 188 0.38 5.62 13.43
N ASP A 189 -0.78 5.55 12.79
CA ASP A 189 -1.69 4.42 12.97
C ASP A 189 -1.40 3.31 11.97
N ALA A 190 -0.64 3.64 10.94
CA ALA A 190 -0.12 2.65 9.98
C ALA A 190 1.11 3.24 9.34
N VAL A 191 2.03 2.37 8.88
CA VAL A 191 3.24 2.83 8.22
C VAL A 191 3.28 2.26 6.81
N LYS A 192 3.49 3.13 5.81
CA LYS A 192 3.46 2.71 4.42
C LYS A 192 4.88 2.57 3.91
N VAL A 193 5.15 1.42 3.28
CA VAL A 193 6.51 1.04 2.91
C VAL A 193 6.67 0.97 1.40
N GLY A 194 7.62 1.72 0.90
CA GLY A 194 7.92 1.71 -0.50
C GLY A 194 8.68 2.94 -0.95
N VAL A 195 10.00 2.82 -1.02
CA VAL A 195 10.85 3.87 -1.51
C VAL A 195 11.78 3.25 -2.55
N GLY A 196 11.71 3.73 -3.77
CA GLY A 196 12.30 3.03 -4.90
C GLY A 196 11.93 1.55 -4.92
N PRO A 197 10.62 1.24 -4.90
CA PRO A 197 10.17 -0.15 -4.81
C PRO A 197 10.15 -0.84 -6.17
N GLY A 198 10.48 -0.10 -7.23
CA GLY A 198 10.40 -0.62 -8.57
C GLY A 198 9.12 -0.15 -9.22
N SER A 199 8.90 1.16 -9.23
CA SER A 199 7.67 1.72 -9.78
C SER A 199 7.93 2.68 -10.93
N ILE A 200 6.88 3.30 -11.44
CA ILE A 200 6.97 4.04 -12.68
C ILE A 200 7.84 5.30 -12.56
N CYS A 201 7.94 5.86 -11.37
CA CYS A 201 8.76 7.03 -11.14
C CYS A 201 10.28 6.75 -11.29
N THR A 202 10.62 5.49 -11.26
CA THR A 202 12.01 5.04 -11.39
C THR A 202 13.00 5.86 -10.56
N THR A 203 12.67 6.01 -9.28
CA THR A 203 13.58 6.58 -8.30
C THR A 203 14.95 5.90 -8.34
N ARG A 204 14.92 4.60 -8.59
CA ARG A 204 16.15 3.83 -8.63
C ARG A 204 17.09 4.29 -9.73
N VAL A 205 16.55 4.62 -10.88
CA VAL A 205 17.37 5.02 -11.99
C VAL A 205 17.79 6.49 -11.91
N VAL A 206 16.88 7.32 -11.47
CA VAL A 206 17.09 8.76 -11.49
C VAL A 206 17.94 9.21 -10.32
N ALA A 207 17.60 8.73 -9.12
CA ALA A 207 18.31 9.13 -7.91
C ALA A 207 19.31 8.07 -7.44
N GLY A 208 19.20 6.84 -7.96
CA GLY A 208 20.07 5.77 -7.49
C GLY A 208 19.67 5.22 -6.14
N VAL A 209 18.45 5.55 -5.70
CA VAL A 209 17.96 5.27 -4.35
C VAL A 209 16.86 4.22 -4.41
N GLY A 210 16.86 3.28 -3.47
CA GLY A 210 15.72 2.40 -3.36
C GLY A 210 15.97 1.28 -2.39
N ALA A 211 14.95 0.45 -2.22
CA ALA A 211 15.03 -0.68 -1.33
C ALA A 211 14.11 -1.75 -1.84
N PRO A 212 14.67 -2.91 -2.22
CA PRO A 212 13.82 -4.04 -2.62
C PRO A 212 12.75 -4.34 -1.58
N GLN A 213 11.53 -4.56 -2.01
CA GLN A 213 10.38 -4.52 -1.14
C GLN A 213 10.25 -5.62 -0.11
N ILE A 214 10.67 -6.82 -0.41
CA ILE A 214 10.52 -7.86 0.62
C ILE A 214 11.40 -7.50 1.82
N THR A 215 12.64 -7.12 1.56
CA THR A 215 13.55 -6.71 2.63
C THR A 215 13.03 -5.46 3.34
N ALA A 216 12.49 -4.50 2.58
CA ALA A 216 11.97 -3.27 3.17
C ALA A 216 10.80 -3.55 4.10
N ILE A 217 9.91 -4.46 3.69
CA ILE A 217 8.79 -4.86 4.52
C ILE A 217 9.28 -5.59 5.78
N LEU A 218 10.21 -6.53 5.61
CA LEU A 218 10.74 -7.27 6.77
C LEU A 218 11.34 -6.31 7.78
N GLU A 219 12.05 -5.31 7.30
CA GLU A 219 12.66 -4.33 8.20
C GLU A 219 11.63 -3.43 8.86
N ALA A 220 10.67 -2.93 8.08
CA ALA A 220 9.64 -2.05 8.66
C ALA A 220 8.80 -2.79 9.70
N VAL A 221 8.46 -4.04 9.40
CA VAL A 221 7.63 -4.85 10.29
C VAL A 221 8.37 -5.08 11.59
N ALA A 222 9.70 -5.22 11.53
CA ALA A 222 10.49 -5.41 12.74
C ALA A 222 10.33 -4.24 13.71
N ALA A 223 10.04 -3.06 13.17
CA ALA A 223 9.86 -1.86 13.98
C ALA A 223 8.38 -1.62 14.35
N CYS A 224 7.46 -2.08 13.49
CA CYS A 224 6.05 -1.74 13.65
C CYS A 224 5.24 -2.79 14.39
N ALA A 225 5.45 -4.06 14.09
CA ALA A 225 4.66 -5.11 14.71
C ALA A 225 4.82 -5.09 16.26
N PRO A 226 6.03 -4.82 16.79
CA PRO A 226 6.05 -4.85 18.26
C PRO A 226 5.25 -3.73 18.91
N HIS A 227 4.81 -2.76 18.14
CA HIS A 227 4.01 -1.65 18.67
C HIS A 227 2.58 -1.75 18.21
N GLY A 228 2.25 -2.85 17.54
CA GLY A 228 0.89 -3.10 17.10
C GLY A 228 0.48 -2.19 15.96
N VAL A 229 1.46 -1.71 15.18
CA VAL A 229 1.18 -0.81 14.07
C VAL A 229 1.26 -1.56 12.75
N PRO A 230 0.17 -1.56 11.96
CA PRO A 230 0.20 -2.26 10.67
C PRO A 230 1.09 -1.59 9.64
N VAL A 231 1.67 -2.41 8.77
CA VAL A 231 2.46 -1.97 7.64
C VAL A 231 1.66 -2.17 6.35
N ILE A 232 1.64 -1.12 5.53
CA ILE A 232 1.04 -1.14 4.19
C ILE A 232 2.15 -1.30 3.16
N ALA A 233 2.12 -2.38 2.40
CA ALA A 233 3.12 -2.57 1.34
C ALA A 233 2.73 -1.77 0.10
N ASP A 234 3.57 -0.81 -0.28
CA ASP A 234 3.17 0.14 -1.30
C ASP A 234 4.19 0.24 -2.43
N GLY A 235 3.95 -0.49 -3.52
CA GLY A 235 4.81 -0.36 -4.68
C GLY A 235 5.48 -1.66 -5.08
N GLY A 236 5.52 -1.90 -6.39
CA GLY A 236 6.25 -3.04 -6.92
C GLY A 236 5.44 -4.32 -7.06
N LEU A 237 4.16 -4.27 -6.71
CA LEU A 237 3.33 -5.46 -6.81
C LEU A 237 2.79 -5.60 -8.22
N GLN A 238 3.15 -6.67 -8.87
CA GLN A 238 2.79 -6.87 -10.25
C GLN A 238 1.77 -7.97 -10.47
N TYR A 239 1.75 -8.96 -9.59
CA TYR A 239 0.90 -10.13 -9.74
C TYR A 239 0.14 -10.40 -8.46
N SER A 240 -0.94 -11.17 -8.55
CA SER A 240 -1.68 -11.55 -7.35
C SER A 240 -0.75 -12.26 -6.37
N GLY A 241 0.20 -13.05 -6.87
CA GLY A 241 1.11 -13.73 -5.98
C GLY A 241 1.97 -12.79 -5.14
N ASP A 242 2.24 -11.59 -5.66
CA ASP A 242 3.02 -10.62 -4.91
C ASP A 242 2.28 -10.13 -3.67
N ILE A 243 0.95 -10.06 -3.75
CA ILE A 243 0.14 -9.67 -2.59
C ILE A 243 0.37 -10.67 -1.46
N ALA A 244 0.29 -11.97 -1.78
CA ALA A 244 0.52 -12.98 -0.76
C ALA A 244 1.93 -12.86 -0.16
N LYS A 245 2.91 -12.61 -1.03
CA LYS A 245 4.29 -12.49 -0.55
C LYS A 245 4.45 -11.28 0.37
N ALA A 246 3.84 -10.16 0.00
CA ALA A 246 3.93 -8.95 0.81
C ALA A 246 3.35 -9.15 2.21
N LEU A 247 2.18 -9.79 2.26
CA LEU A 247 1.55 -10.07 3.56
C LEU A 247 2.36 -11.08 4.36
N ALA A 248 2.88 -12.11 3.69
CA ALA A 248 3.70 -13.09 4.42
C ALA A 248 5.00 -12.47 4.94
N ALA A 249 5.52 -11.44 4.27
CA ALA A 249 6.69 -10.74 4.78
C ALA A 249 6.32 -9.93 6.03
N GLY A 250 5.03 -9.78 6.29
CA GLY A 250 4.59 -9.12 7.51
C GLY A 250 3.68 -7.93 7.32
N ALA A 251 3.47 -7.49 6.06
CA ALA A 251 2.55 -6.39 5.82
C ALA A 251 1.12 -6.82 6.15
N SER A 252 0.28 -5.84 6.43
CA SER A 252 -1.12 -6.11 6.77
C SER A 252 -2.03 -5.79 5.60
N THR A 253 -1.61 -4.86 4.73
CA THR A 253 -2.36 -4.58 3.51
C THR A 253 -1.38 -4.27 2.40
N ALA A 254 -1.88 -4.25 1.17
CA ALA A 254 -1.09 -3.86 0.01
C ALA A 254 -1.78 -2.73 -0.69
N MET A 255 -1.02 -1.72 -1.09
CA MET A 255 -1.55 -0.61 -1.88
C MET A 255 -1.16 -0.81 -3.32
N LEU A 256 -2.13 -0.67 -4.21
CA LEU A 256 -1.93 -1.03 -5.61
C LEU A 256 -2.14 0.15 -6.55
N GLY A 257 -1.19 0.37 -7.45
CA GLY A 257 -1.33 1.40 -8.46
C GLY A 257 -1.46 0.80 -9.84
N SER A 258 -0.36 0.26 -10.36
CA SER A 258 -0.34 -0.27 -11.72
CA SER A 258 -0.34 -0.25 -11.73
C SER A 258 -1.40 -1.35 -11.95
N LEU A 259 -1.60 -2.21 -10.96
CA LEU A 259 -2.57 -3.29 -11.08
C LEU A 259 -4.02 -2.80 -11.18
N LEU A 260 -4.29 -1.57 -10.76
CA LEU A 260 -5.65 -1.03 -10.79
C LEU A 260 -5.85 0.09 -11.81
N ALA A 261 -4.75 0.59 -12.36
CA ALA A 261 -4.84 1.76 -13.25
C ALA A 261 -5.52 1.41 -14.57
N GLY A 262 -5.61 0.12 -14.85
CA GLY A 262 -6.22 -0.35 -16.08
C GLY A 262 -7.67 -0.76 -15.92
N THR A 263 -8.26 -0.50 -14.76
CA THR A 263 -9.66 -0.85 -14.53
C THR A 263 -10.60 0.26 -14.99
N ALA A 264 -11.87 -0.10 -15.19
CA ALA A 264 -12.86 0.84 -15.68
C ALA A 264 -13.07 2.02 -14.73
N GLU A 265 -12.90 1.76 -13.44
CA GLU A 265 -13.23 2.73 -12.40
C GLU A 265 -12.12 3.77 -12.18
N SER A 266 -10.95 3.50 -12.74
CA SER A 266 -9.84 4.45 -12.61
C SER A 266 -10.09 5.64 -13.53
N PRO A 267 -9.52 6.81 -13.18
CA PRO A 267 -9.64 8.00 -14.04
C PRO A 267 -9.03 7.75 -15.42
N GLY A 268 -9.38 8.57 -16.39
CA GLY A 268 -8.76 8.48 -17.69
C GLY A 268 -9.57 7.70 -18.72
N GLU A 269 -9.31 7.98 -19.98
CA GLU A 269 -10.03 7.34 -21.07
C GLU A 269 -9.29 6.12 -21.59
N LEU A 270 -10.00 5.29 -22.35
CA LEU A 270 -9.42 4.17 -23.04
C LEU A 270 -8.42 4.64 -24.09
N ILE A 271 -7.32 3.92 -24.23
CA ILE A 271 -6.34 4.22 -25.26
C ILE A 271 -6.20 3.00 -26.15
N LEU A 272 -6.30 3.20 -27.45
CA LEU A 272 -6.20 2.09 -28.39
C LEU A 272 -4.87 2.16 -29.14
N VAL A 273 -4.03 1.15 -28.96
CA VAL A 273 -2.75 1.10 -29.63
C VAL A 273 -2.56 -0.27 -30.27
N ASN A 274 -2.35 -0.29 -31.58
CA ASN A 274 -2.17 -1.52 -32.34
C ASN A 274 -3.29 -2.53 -32.08
N GLY A 275 -4.53 -2.05 -32.02
CA GLY A 275 -5.68 -2.91 -31.86
C GLY A 275 -5.93 -3.37 -30.43
N LYS A 276 -5.05 -2.96 -29.51
CA LYS A 276 -5.19 -3.35 -28.12
C LYS A 276 -5.61 -2.16 -27.27
N GLN A 277 -6.35 -2.44 -26.19
CA GLN A 277 -6.84 -1.38 -25.30
C GLN A 277 -5.97 -1.17 -24.06
N PHE A 278 -5.73 0.08 -23.74
CA PHE A 278 -4.90 0.48 -22.59
C PHE A 278 -5.51 1.67 -21.84
N LYS A 279 -5.04 1.93 -20.64
CA LYS A 279 -5.31 3.20 -19.98
C LYS A 279 -3.99 3.82 -19.56
N SER A 280 -4.00 5.09 -19.25
CA SER A 280 -2.81 5.81 -18.92
C SER A 280 -2.40 5.56 -17.47
N TYR A 281 -1.10 5.54 -17.20
CA TYR A 281 -0.61 5.41 -15.84
C TYR A 281 0.62 6.31 -15.73
N ARG A 282 0.62 7.19 -14.73
CA ARG A 282 1.67 8.21 -14.61
C ARG A 282 2.10 8.41 -13.16
N GLY A 322 3.30 6.66 -19.05
CA GLY A 322 3.18 5.24 -19.35
C GLY A 322 1.74 4.79 -19.53
N ARG A 323 1.58 3.52 -19.81
CA ARG A 323 0.27 2.93 -20.00
C ARG A 323 0.19 1.48 -19.58
N VAL A 324 -1.01 1.02 -19.21
CA VAL A 324 -1.22 -0.33 -18.75
C VAL A 324 -2.36 -0.95 -19.51
N PRO A 325 -2.35 -2.27 -19.69
CA PRO A 325 -3.46 -2.92 -20.40
C PRO A 325 -4.81 -2.67 -19.71
N PHE A 326 -5.85 -2.47 -20.50
CA PHE A 326 -7.18 -2.33 -19.95
C PHE A 326 -7.71 -3.68 -19.44
N ARG A 327 -8.21 -3.67 -18.22
CA ARG A 327 -8.58 -4.89 -17.54
C ARG A 327 -10.03 -5.11 -17.28
N GLY A 328 -10.86 -4.15 -17.58
CA GLY A 328 -12.29 -4.28 -17.32
C GLY A 328 -12.66 -3.77 -15.94
N PRO A 329 -13.78 -4.25 -15.40
CA PRO A 329 -14.26 -3.72 -14.11
C PRO A 329 -13.31 -4.04 -12.96
N LEU A 330 -13.28 -3.14 -11.97
CA LEU A 330 -12.46 -3.34 -10.78
C LEU A 330 -12.82 -4.65 -10.08
N SER A 331 -14.12 -4.91 -9.95
CA SER A 331 -14.60 -6.12 -9.29
C SER A 331 -13.94 -7.38 -9.86
N THR A 332 -13.68 -7.39 -11.15
CA THR A 332 -13.08 -8.51 -11.80
C THR A 332 -11.62 -8.67 -11.42
N VAL A 333 -10.90 -7.60 -11.45
CA VAL A 333 -9.51 -7.60 -11.02
C VAL A 333 -9.39 -7.98 -9.54
N ILE A 334 -10.22 -7.39 -8.70
CA ILE A 334 -10.12 -7.69 -7.27
C ILE A 334 -10.44 -9.17 -7.05
N HIS A 335 -11.37 -9.70 -7.80
CA HIS A 335 -11.71 -11.10 -7.68
C HIS A 335 -10.53 -12.01 -7.99
N GLN A 336 -9.81 -11.71 -9.04
CA GLN A 336 -8.64 -12.45 -9.41
C GLN A 336 -7.56 -12.34 -8.35
N LEU A 337 -7.35 -11.14 -7.87
CA LEU A 337 -6.29 -10.93 -6.90
C LEU A 337 -6.58 -11.66 -5.60
N VAL A 338 -7.81 -11.53 -5.11
CA VAL A 338 -8.19 -12.22 -3.89
C VAL A 338 -8.17 -13.74 -4.09
N GLY A 339 -8.49 -14.19 -5.30
CA GLY A 339 -8.40 -15.60 -5.62
C GLY A 339 -6.98 -16.15 -5.43
N GLY A 340 -6.00 -15.39 -5.90
CA GLY A 340 -4.61 -15.78 -5.71
C GLY A 340 -4.23 -15.78 -4.25
N LEU A 341 -4.62 -14.72 -3.52
CA LEU A 341 -4.36 -14.67 -2.09
C LEU A 341 -4.98 -15.87 -1.37
N ARG A 342 -6.23 -16.19 -1.68
CA ARG A 342 -6.88 -17.33 -1.05
C ARG A 342 -6.14 -18.64 -1.33
N ALA A 343 -5.64 -18.79 -2.56
CA ALA A 343 -4.87 -19.98 -2.92
C ALA A 343 -3.62 -20.08 -2.06
N ALA A 344 -2.90 -18.96 -1.91
CA ALA A 344 -1.72 -18.91 -1.05
C ALA A 344 -2.05 -19.29 0.39
N MET A 345 -3.19 -18.82 0.89
CA MET A 345 -3.56 -19.14 2.27
C MET A 345 -3.85 -20.64 2.41
N GLY A 346 -4.48 -21.23 1.41
CA GLY A 346 -4.65 -22.67 1.36
C GLY A 346 -3.33 -23.43 1.39
N TYR A 347 -2.41 -23.05 0.51
CA TYR A 347 -1.12 -23.74 0.43
C TYR A 347 -0.30 -23.63 1.69
N THR A 348 -0.41 -22.50 2.38
CA THR A 348 0.41 -22.25 3.56
C THR A 348 -0.27 -22.61 4.88
N GLY A 349 -1.52 -23.06 4.81
CA GLY A 349 -2.27 -23.38 6.01
C GLY A 349 -2.60 -22.16 6.86
N SER A 350 -2.83 -21.04 6.18
CA SER A 350 -3.11 -19.78 6.88
C SER A 350 -4.62 -19.50 6.90
N ALA A 351 -5.24 -19.61 8.09
CA ALA A 351 -6.67 -19.41 8.18
C ALA A 351 -7.04 -17.93 8.13
N THR A 352 -6.06 -17.09 8.47
CA THR A 352 -6.23 -15.64 8.61
C THR A 352 -5.00 -14.95 8.07
N ILE A 353 -5.10 -13.65 7.83
CA ILE A 353 -3.93 -12.90 7.38
C ILE A 353 -2.86 -12.89 8.46
N GLU A 354 -3.26 -12.83 9.73
CA GLU A 354 -2.29 -12.91 10.82
C GLU A 354 -1.47 -14.20 10.79
N GLU A 355 -2.09 -15.32 10.41
CA GLU A 355 -1.35 -16.57 10.23
C GLU A 355 -0.44 -16.52 9.00
N LEU A 356 -0.93 -15.92 7.92
CA LEU A 356 -0.12 -15.78 6.71
C LEU A 356 1.15 -15.00 6.98
N GLN A 357 1.06 -14.02 7.88
CA GLN A 357 2.22 -13.21 8.25
C GLN A 357 3.33 -14.04 8.91
N GLN A 358 3.03 -15.28 9.30
CA GLN A 358 4.04 -16.15 9.88
C GLN A 358 4.58 -17.19 8.90
N ALA A 359 4.15 -17.13 7.64
CA ALA A 359 4.60 -18.12 6.65
C ALA A 359 6.09 -17.96 6.33
N GLN A 360 6.69 -19.01 5.77
CA GLN A 360 8.10 -18.99 5.41
C GLN A 360 8.29 -18.90 3.91
N PHE A 361 9.45 -18.37 3.52
CA PHE A 361 9.86 -18.27 2.11
C PHE A 361 10.99 -19.21 1.78
N VAL A 362 11.12 -19.49 0.48
CA VAL A 362 12.33 -20.02 -0.10
C VAL A 362 12.89 -18.96 -1.04
N GLN A 363 14.20 -18.72 -1.01
CA GLN A 363 14.78 -17.74 -1.91
C GLN A 363 15.13 -18.47 -3.20
N ILE A 364 14.86 -17.87 -4.35
CA ILE A 364 15.13 -18.56 -5.60
C ILE A 364 16.21 -17.81 -6.39
N THR A 365 16.78 -18.46 -7.38
CA THR A 365 17.85 -17.87 -8.17
C THR A 365 17.30 -17.24 -9.44
N ALA A 366 18.18 -16.62 -10.22
CA ALA A 366 17.80 -16.06 -11.52
C ALA A 366 17.26 -17.13 -12.45
N ALA A 367 17.76 -18.35 -12.32
CA ALA A 367 17.30 -19.44 -13.17
C ALA A 367 15.88 -19.83 -12.80
N GLY A 368 15.55 -19.73 -11.52
CA GLY A 368 14.22 -20.10 -11.04
C GLY A 368 13.21 -19.07 -11.51
#